data_4TZR
#
_entry.id   4TZR
#
_cell.length_a   48.240
_cell.length_b   73.090
_cell.length_c   66.240
_cell.angle_alpha   90.000
_cell.angle_beta   100.380
_cell.angle_gamma   90.000
#
_symmetry.space_group_name_H-M   'P 1 21 1'
#
loop_
_entity.id
_entity.type
_entity.pdbx_description
1 polymer 'Calmodulin-domain protein kinase 1'
2 non-polymer 1-{4-amino-3-[2-(cyclopropyloxy)quinolin-6-yl]-1H-pyrazolo[3,4-d]pyrimidin-1-yl}-2-methylpropan-2-ol
3 water water
#
_entity_poly.entity_id   1
_entity_poly.type   'polypeptide(L)'
_entity_poly.pdbx_seq_one_letter_code
;GPGSMMDHLHATPGMFVQHSTAIFSDRYKGQRVLGKGSFGEVILCKDKITGQECAVKVISKRQVKQKTDKESLLREVQLL
KQLDHPNIMKLYEFFEDKGYFYLVGEVYTGGELFDEIISRKRFSEVDAARIIRQVLSGITYMHKNKIVHRDLKPENLLLE
SKSKDANIRIIDFGLSTHFEASKKMKDKIGTAYYIAPEVLHGTYDEKCDVWSTGVILYILLSGCPPFNGANEYDILKKVE
KGKYTFELPQWKKVSESAKDLIRKMLTYVPSMRISARDALDHEWIQTYTKEQISVDVPSLDNAILNIRQFQGTQKLAQAA
LLYMGSKLTSQDETKELTAIFHKMDKNGDGQLDRAELIEGYKELMRMKGQDASMLDASAVEHEVDQVLDAVDFDKNGYIE
YSEFVTVAMDRKTLLSRERLERAFRMFDSDNSGKISSTELATIFGVSDVDSETWKSVLSEVDKNNDGEVDFDEFQQMLLK
LCGN
;
_entity_poly.pdbx_strand_id   A
#
# COMPACT_ATOMS: atom_id res chain seq x y z
N HIS A 19 11.46 -12.41 -34.83
CA HIS A 19 11.55 -12.53 -33.35
C HIS A 19 10.16 -12.40 -32.71
N SER A 20 10.02 -13.03 -31.54
CA SER A 20 8.72 -13.19 -30.89
C SER A 20 8.48 -12.06 -29.90
N THR A 21 7.25 -11.57 -29.74
CA THR A 21 6.91 -10.65 -28.61
C THR A 21 7.07 -11.41 -27.28
N ALA A 22 7.82 -10.82 -26.34
CA ALA A 22 8.31 -11.55 -25.17
C ALA A 22 7.21 -11.73 -24.14
N ILE A 23 7.17 -12.93 -23.56
CA ILE A 23 6.17 -13.29 -22.58
C ILE A 23 6.79 -13.25 -21.19
N PHE A 24 6.12 -12.59 -20.27
CA PHE A 24 6.63 -12.36 -18.95
C PHE A 24 6.98 -13.72 -18.28
N SER A 25 6.04 -14.68 -18.31
CA SER A 25 6.20 -15.92 -17.51
C SER A 25 7.21 -16.87 -18.17
N ASP A 26 7.61 -16.62 -19.41
CA ASP A 26 8.69 -17.36 -20.05
C ASP A 26 10.05 -16.97 -19.45
N ARG A 27 10.16 -15.74 -18.91
CA ARG A 27 11.37 -15.27 -18.28
C ARG A 27 11.39 -15.29 -16.73
N TYR A 28 10.24 -15.06 -16.09
CA TYR A 28 10.18 -14.92 -14.63
C TYR A 28 9.23 -15.93 -14.03
N LYS A 29 9.58 -16.45 -12.87
CA LYS A 29 8.67 -17.20 -12.03
C LYS A 29 8.36 -16.44 -10.73
N GLY A 30 7.14 -16.53 -10.26
CA GLY A 30 6.75 -15.88 -9.01
C GLY A 30 7.17 -16.68 -7.80
N GLN A 31 7.70 -16.01 -6.79
CA GLN A 31 8.16 -16.70 -5.59
C GLN A 31 7.17 -16.51 -4.47
N ARG A 32 6.95 -15.22 -4.08
CA ARG A 32 5.89 -14.75 -3.12
CA ARG A 32 5.87 -14.77 -3.14
C ARG A 32 5.30 -13.35 -3.32
N VAL A 33 4.05 -13.12 -2.89
CA VAL A 33 3.47 -11.81 -3.02
C VAL A 33 4.14 -10.93 -2.00
N LEU A 34 4.56 -9.73 -2.41
CA LEU A 34 5.16 -8.73 -1.52
C LEU A 34 4.09 -7.83 -0.91
N GLY A 35 3.04 -7.58 -1.68
CA GLY A 35 1.93 -6.83 -1.15
C GLY A 35 1.10 -6.17 -2.22
N LYS A 36 0.04 -5.51 -1.77
CA LYS A 36 -0.78 -4.71 -2.63
C LYS A 36 -0.12 -3.35 -2.56
N GLY A 37 0.09 -2.74 -3.73
CA GLY A 37 0.50 -1.37 -3.78
C GLY A 37 -0.53 -0.64 -4.62
N SER A 38 -0.24 0.63 -4.86
CA SER A 38 -1.04 1.42 -5.79
C SER A 38 -1.01 0.73 -7.13
N PHE A 39 -2.19 0.66 -7.76
CA PHE A 39 -2.40 0.12 -9.12
C PHE A 39 -2.30 -1.38 -9.31
N GLY A 40 -1.86 -2.10 -8.29
CA GLY A 40 -1.78 -3.53 -8.44
C GLY A 40 -0.92 -4.23 -7.43
N GLU A 41 -0.92 -5.56 -7.48
CA GLU A 41 -0.11 -6.32 -6.55
C GLU A 41 1.32 -6.27 -7.01
N VAL A 42 2.23 -6.43 -6.06
CA VAL A 42 3.63 -6.58 -6.34
C VAL A 42 4.07 -7.96 -5.90
N ILE A 43 4.75 -8.66 -6.81
CA ILE A 43 5.15 -10.04 -6.62
C ILE A 43 6.66 -10.13 -6.71
N LEU A 44 7.29 -10.81 -5.75
CA LEU A 44 8.71 -11.16 -5.83
C LEU A 44 8.84 -12.31 -6.80
N CYS A 45 9.63 -12.05 -7.83
CA CYS A 45 9.84 -12.94 -8.97
C CYS A 45 11.31 -13.21 -9.17
N LYS A 46 11.58 -14.21 -9.96
CA LYS A 46 12.93 -14.61 -10.17
C LYS A 46 13.13 -15.00 -11.62
N ASP A 47 14.23 -14.50 -12.20
CA ASP A 47 14.58 -14.83 -13.57
C ASP A 47 14.91 -16.33 -13.66
N LYS A 48 14.30 -17.00 -14.62
CA LYS A 48 14.45 -18.45 -14.78
C LYS A 48 15.80 -18.91 -15.25
N ILE A 49 16.60 -18.03 -15.79
CA ILE A 49 17.92 -18.36 -16.27
C ILE A 49 19.00 -17.85 -15.35
N THR A 50 18.93 -16.59 -14.97
CA THR A 50 20.02 -15.91 -14.26
C THR A 50 19.87 -15.96 -12.75
N GLY A 51 18.68 -16.30 -12.25
CA GLY A 51 18.40 -16.28 -10.82
C GLY A 51 18.13 -14.90 -10.20
N GLN A 52 18.22 -13.81 -10.96
CA GLN A 52 18.05 -12.48 -10.43
CA GLN A 52 18.05 -12.45 -10.44
C GLN A 52 16.62 -12.31 -9.88
N GLU A 53 16.51 -11.88 -8.64
CA GLU A 53 15.26 -11.57 -8.04
C GLU A 53 14.83 -10.16 -8.45
N CYS A 54 13.52 -9.97 -8.59
CA CYS A 54 12.96 -8.67 -8.94
CA CYS A 54 12.91 -8.71 -9.01
C CYS A 54 11.58 -8.53 -8.33
N ALA A 55 11.14 -7.30 -8.15
CA ALA A 55 9.82 -6.98 -7.67
C ALA A 55 8.97 -6.51 -8.86
N VAL A 56 7.91 -7.24 -9.12
CA VAL A 56 7.10 -7.01 -10.30
C VAL A 56 5.77 -6.43 -9.87
N LYS A 57 5.47 -5.22 -10.33
CA LYS A 57 4.15 -4.62 -10.12
C LYS A 57 3.25 -5.07 -11.29
N VAL A 58 2.17 -5.75 -10.99
CA VAL A 58 1.31 -6.28 -12.05
C VAL A 58 0.03 -5.46 -12.05
N ILE A 59 -0.22 -4.77 -13.16
CA ILE A 59 -1.41 -3.94 -13.29
C ILE A 59 -2.46 -4.62 -14.18
N SER A 60 -3.63 -4.85 -13.57
CA SER A 60 -4.79 -5.50 -14.20
C SER A 60 -5.56 -4.51 -15.01
N LYS A 61 -5.63 -4.74 -16.31
CA LYS A 61 -6.31 -3.81 -17.24
C LYS A 61 -7.81 -3.67 -16.96
N ARG A 62 -8.45 -4.75 -16.47
CA ARG A 62 -9.87 -4.67 -16.05
C ARG A 62 -10.12 -3.68 -14.92
N GLN A 63 -9.17 -3.60 -14.01
CA GLN A 63 -9.36 -2.89 -12.74
C GLN A 63 -8.71 -1.53 -12.71
N VAL A 64 -7.82 -1.29 -13.65
CA VAL A 64 -7.11 -0.04 -13.73
C VAL A 64 -7.19 0.44 -15.16
N LYS A 65 -7.90 1.55 -15.33
CA LYS A 65 -8.04 2.23 -16.59
C LYS A 65 -6.78 3.03 -16.92
N GLN A 66 -6.38 3.00 -18.18
CA GLN A 66 -5.34 3.90 -18.66
C GLN A 66 -5.89 5.31 -18.93
N LYS A 67 -5.02 6.28 -18.76
CA LYS A 67 -5.27 7.71 -19.05
C LYS A 67 -4.60 8.20 -20.35
N THR A 68 -3.58 7.50 -20.82
CA THR A 68 -2.81 7.92 -21.99
C THR A 68 -2.93 6.84 -23.08
N ASP A 69 -2.47 7.11 -24.30
CA ASP A 69 -2.54 6.05 -25.31
C ASP A 69 -1.35 5.11 -25.14
N LYS A 70 -1.45 3.93 -25.75
CA LYS A 70 -0.44 2.93 -25.55
C LYS A 70 0.94 3.51 -25.85
N GLU A 71 1.10 4.19 -26.98
CA GLU A 71 2.42 4.71 -27.33
C GLU A 71 3.00 5.74 -26.33
N SER A 72 2.13 6.52 -25.71
CA SER A 72 2.57 7.46 -24.68
C SER A 72 3.15 6.69 -23.49
N LEU A 73 2.47 5.60 -23.12
CA LEU A 73 2.93 4.74 -22.03
C LEU A 73 4.26 4.08 -22.36
N LEU A 74 4.37 3.56 -23.58
CA LEU A 74 5.56 2.90 -24.04
C LEU A 74 6.74 3.81 -24.01
N ARG A 75 6.55 5.06 -24.39
CA ARG A 75 7.68 5.99 -24.43
CA ARG A 75 7.65 6.01 -24.42
C ARG A 75 8.15 6.31 -23.03
N GLU A 76 7.19 6.50 -22.12
CA GLU A 76 7.52 6.74 -20.70
C GLU A 76 8.29 5.54 -20.09
N VAL A 77 7.84 4.33 -20.37
CA VAL A 77 8.55 3.15 -19.92
C VAL A 77 9.98 3.11 -20.44
N GLN A 78 10.15 3.38 -21.70
CA GLN A 78 11.47 3.37 -22.27
C GLN A 78 12.39 4.41 -21.62
N LEU A 79 11.86 5.59 -21.31
CA LEU A 79 12.65 6.60 -20.62
C LEU A 79 12.96 6.13 -19.20
N LEU A 80 11.97 5.62 -18.48
CA LEU A 80 12.21 5.16 -17.09
C LEU A 80 13.28 4.11 -17.00
N LYS A 81 13.32 3.17 -17.94
CA LYS A 81 14.39 2.17 -17.99
C LYS A 81 15.79 2.76 -18.11
N GLN A 82 15.91 3.94 -18.69
CA GLN A 82 17.18 4.63 -18.85
C GLN A 82 17.60 5.49 -17.70
N LEU A 83 16.66 5.87 -16.86
CA LEU A 83 16.95 6.69 -15.69
C LEU A 83 17.55 5.86 -14.56
N ASP A 84 18.42 6.52 -13.79
CA ASP A 84 19.12 5.89 -12.72
CA ASP A 84 19.14 5.87 -12.71
C ASP A 84 19.40 6.91 -11.65
N HIS A 85 18.91 6.66 -10.44
CA HIS A 85 19.20 7.52 -9.33
C HIS A 85 19.14 6.70 -8.05
N PRO A 86 20.04 6.94 -7.11
CA PRO A 86 20.02 6.07 -5.91
C PRO A 86 18.74 6.13 -5.04
N ASN A 87 17.92 7.14 -5.19
CA ASN A 87 16.72 7.27 -4.39
C ASN A 87 15.42 7.05 -5.15
N ILE A 88 15.55 6.41 -6.31
CA ILE A 88 14.45 6.08 -7.17
C ILE A 88 14.47 4.61 -7.50
N MET A 89 13.31 3.97 -7.35
CA MET A 89 13.19 2.59 -7.75
C MET A 89 13.70 2.36 -9.16
N LYS A 90 14.52 1.33 -9.36
CA LYS A 90 15.08 1.02 -10.69
C LYS A 90 14.12 0.14 -11.45
N LEU A 91 13.78 0.54 -12.69
CA LEU A 91 12.96 -0.27 -13.56
C LEU A 91 13.82 -1.01 -14.57
N TYR A 92 13.63 -2.31 -14.73
CA TYR A 92 14.40 -3.13 -15.67
C TYR A 92 13.69 -3.48 -16.97
N GLU A 93 12.45 -3.90 -16.86
CA GLU A 93 11.71 -4.48 -17.98
C GLU A 93 10.22 -4.17 -17.87
N PHE A 94 9.53 -4.35 -18.98
CA PHE A 94 8.12 -4.09 -19.12
C PHE A 94 7.52 -5.14 -20.03
N PHE A 95 6.38 -5.70 -19.65
CA PHE A 95 5.71 -6.68 -20.46
C PHE A 95 4.25 -6.36 -20.43
N GLU A 96 3.57 -6.80 -21.46
CA GLU A 96 2.17 -6.54 -21.63
C GLU A 96 1.59 -7.76 -22.27
N ASP A 97 0.46 -8.22 -21.75
CA ASP A 97 -0.32 -9.23 -22.49
C ASP A 97 -1.74 -8.73 -22.60
N LYS A 98 -2.65 -9.64 -22.90
CA LYS A 98 -4.03 -9.28 -23.07
C LYS A 98 -4.66 -8.61 -21.84
N GLY A 99 -4.35 -9.10 -20.64
CA GLY A 99 -5.01 -8.66 -19.38
C GLY A 99 -4.22 -7.78 -18.44
N TYR A 100 -2.90 -7.74 -18.62
CA TYR A 100 -2.03 -7.18 -17.60
C TYR A 100 -0.84 -6.44 -18.17
N PHE A 101 -0.32 -5.51 -17.36
CA PHE A 101 1.00 -4.93 -17.57
C PHE A 101 1.87 -5.45 -16.48
N TYR A 102 3.12 -5.80 -16.81
CA TYR A 102 4.08 -6.34 -15.83
C TYR A 102 5.31 -5.43 -15.77
N LEU A 103 5.50 -4.75 -14.66
CA LEU A 103 6.58 -3.80 -14.52
C LEU A 103 7.59 -4.43 -13.59
N VAL A 104 8.78 -4.69 -14.11
CA VAL A 104 9.80 -5.45 -13.40
C VAL A 104 10.84 -4.49 -12.87
N GLY A 105 10.89 -4.34 -11.55
CA GLY A 105 11.86 -3.47 -10.90
C GLY A 105 12.72 -4.17 -9.86
N GLU A 106 13.65 -3.41 -9.29
CA GLU A 106 14.55 -3.95 -8.32
C GLU A 106 13.78 -4.16 -7.04
N VAL A 107 14.10 -5.25 -6.31
CA VAL A 107 13.50 -5.56 -5.02
C VAL A 107 14.19 -4.82 -3.91
N TYR A 108 13.45 -4.20 -3.01
CA TYR A 108 14.03 -3.59 -1.80
C TYR A 108 13.44 -4.29 -0.57
N THR A 109 14.25 -4.47 0.46
CA THR A 109 13.91 -5.36 1.58
C THR A 109 13.88 -4.69 2.93
N GLY A 110 14.05 -3.38 2.95
CA GLY A 110 14.08 -2.63 4.20
C GLY A 110 12.72 -2.12 4.66
N GLY A 111 11.70 -2.36 3.84
CA GLY A 111 10.31 -2.01 4.17
C GLY A 111 10.06 -0.50 4.09
N GLU A 112 8.89 -0.08 4.55
CA GLU A 112 8.46 1.31 4.52
C GLU A 112 9.13 2.13 5.59
N LEU A 113 9.53 3.33 5.20
CA LEU A 113 10.30 4.20 6.07
C LEU A 113 9.67 4.34 7.48
N PHE A 114 8.38 4.69 7.56
CA PHE A 114 7.76 4.96 8.86
C PHE A 114 7.76 3.75 9.81
N ASP A 115 7.77 2.55 9.23
CA ASP A 115 7.88 1.31 10.01
C ASP A 115 9.27 1.15 10.63
N GLU A 116 10.32 1.68 9.98
CA GLU A 116 11.65 1.67 10.55
C GLU A 116 11.73 2.71 11.66
N ILE A 117 11.14 3.88 11.41
CA ILE A 117 11.29 5.01 12.31
C ILE A 117 10.69 4.76 13.70
N ILE A 118 9.52 4.16 13.74
CA ILE A 118 8.86 3.89 15.00
C ILE A 118 9.61 2.83 15.84
N SER A 119 10.46 2.04 15.19
CA SER A 119 11.32 1.07 15.84
C SER A 119 12.64 1.63 16.40
N ARG A 120 12.83 2.96 16.47
CA ARG A 120 14.04 3.50 17.12
C ARG A 120 13.71 4.31 18.35
N LYS A 121 14.72 4.47 19.22
CA LYS A 121 14.56 5.14 20.52
C LYS A 121 14.87 6.62 20.38
N ARG A 122 15.79 6.96 19.48
CA ARG A 122 16.10 8.36 19.17
C ARG A 122 15.79 8.69 17.71
N PHE A 123 15.38 9.94 17.51
CA PHE A 123 15.08 10.51 16.19
C PHE A 123 15.13 12.00 16.31
N SER A 124 16.04 12.60 15.57
CA SER A 124 16.28 14.05 15.66
C SER A 124 16.11 14.75 14.29
N GLU A 125 16.26 16.07 14.26
CA GLU A 125 16.22 16.82 13.00
C GLU A 125 17.33 16.39 12.06
N VAL A 126 18.42 15.86 12.60
CA VAL A 126 19.49 15.36 11.75
C VAL A 126 19.00 14.16 10.96
N ASP A 127 18.32 13.25 11.63
CA ASP A 127 17.74 12.08 10.98
C ASP A 127 16.70 12.49 9.97
N ALA A 128 15.82 13.42 10.33
CA ALA A 128 14.79 13.92 9.42
C ALA A 128 15.39 14.61 8.19
N ALA A 129 16.42 15.44 8.39
CA ALA A 129 17.04 16.13 7.29
C ALA A 129 17.67 15.14 6.33
N ARG A 130 18.26 14.10 6.87
CA ARG A 130 18.93 13.12 6.01
C ARG A 130 17.94 12.36 5.14
N ILE A 131 16.77 12.10 5.71
CA ILE A 131 15.68 11.44 5.01
C ILE A 131 15.11 12.34 3.92
N ILE A 132 14.79 13.56 4.29
CA ILE A 132 14.23 14.52 3.34
C ILE A 132 15.19 14.83 2.20
N ARG A 133 16.47 14.97 2.49
CA ARG A 133 17.44 15.25 1.45
C ARG A 133 17.39 14.17 0.39
N GLN A 134 17.23 12.93 0.79
CA GLN A 134 17.22 11.85 -0.13
C GLN A 134 16.01 11.92 -0.98
N VAL A 135 14.88 12.25 -0.35
CA VAL A 135 13.61 12.36 -1.06
C VAL A 135 13.70 13.49 -2.09
N LEU A 136 14.22 14.63 -1.65
CA LEU A 136 14.38 15.79 -2.54
C LEU A 136 15.33 15.53 -3.67
N SER A 137 16.35 14.71 -3.41
CA SER A 137 17.34 14.39 -4.45
CA SER A 137 17.34 14.37 -4.45
C SER A 137 16.67 13.55 -5.55
N GLY A 138 15.90 12.55 -5.15
CA GLY A 138 15.13 11.74 -6.07
C GLY A 138 14.14 12.55 -6.88
N ILE A 139 13.38 13.37 -6.18
CA ILE A 139 12.35 14.16 -6.83
C ILE A 139 12.97 15.15 -7.83
N THR A 140 14.05 15.78 -7.40
CA THR A 140 14.75 16.74 -8.25
C THR A 140 15.16 16.06 -9.55
N TYR A 141 15.73 14.88 -9.46
CA TYR A 141 16.16 14.18 -10.67
C TYR A 141 14.98 13.85 -11.58
N MET A 142 13.90 13.37 -10.97
CA MET A 142 12.72 13.01 -11.75
C MET A 142 12.12 14.23 -12.46
N HIS A 143 12.07 15.35 -11.77
CA HIS A 143 11.52 16.60 -12.37
C HIS A 143 12.38 17.11 -13.53
N LYS A 144 13.71 17.04 -13.41
CA LYS A 144 14.61 17.32 -14.55
C LYS A 144 14.26 16.57 -15.77
N ASN A 145 13.73 15.38 -15.59
CA ASN A 145 13.31 14.52 -16.69
C ASN A 145 11.79 14.57 -16.93
N LYS A 146 11.12 15.55 -16.31
CA LYS A 146 9.70 15.79 -16.58
C LYS A 146 8.77 14.67 -16.17
N ILE A 147 9.11 13.97 -15.10
CA ILE A 147 8.27 12.91 -14.53
C ILE A 147 7.82 13.41 -13.17
N VAL A 148 6.49 13.39 -12.95
CA VAL A 148 5.84 13.92 -11.73
C VAL A 148 5.25 12.74 -10.97
N HIS A 149 5.35 12.70 -9.65
CA HIS A 149 4.76 11.59 -8.93
C HIS A 149 3.24 11.78 -8.71
N ARG A 150 2.89 12.92 -8.11
CA ARG A 150 1.51 13.30 -7.74
C ARG A 150 0.98 12.64 -6.44
N ASP A 151 1.35 11.40 -6.21
CA ASP A 151 0.79 10.65 -5.09
C ASP A 151 1.81 10.33 -4.04
N LEU A 152 2.75 11.22 -3.83
CA LEU A 152 3.86 10.95 -2.93
C LEU A 152 3.33 10.90 -1.49
N LYS A 153 3.70 9.85 -0.77
CA LYS A 153 3.26 9.63 0.62
C LYS A 153 4.23 8.70 1.31
N PRO A 154 4.16 8.59 2.64
CA PRO A 154 5.15 7.74 3.36
C PRO A 154 5.28 6.31 2.86
N GLU A 155 4.18 5.70 2.44
CA GLU A 155 4.29 4.33 1.99
C GLU A 155 5.00 4.21 0.64
N ASN A 156 5.20 5.31 -0.09
CA ASN A 156 5.98 5.26 -1.28
C ASN A 156 7.46 5.41 -1.03
N LEU A 157 7.86 5.46 0.23
CA LEU A 157 9.24 5.58 0.59
C LEU A 157 9.75 4.27 1.20
N LEU A 158 10.54 3.53 0.44
CA LEU A 158 11.06 2.23 0.88
C LEU A 158 12.53 2.36 1.29
N LEU A 159 12.97 1.57 2.27
CA LEU A 159 14.39 1.50 2.55
C LEU A 159 15.00 0.40 1.69
N GLU A 160 16.18 0.66 1.14
CA GLU A 160 16.82 -0.28 0.22
C GLU A 160 17.06 -1.66 0.80
N SER A 161 17.50 -1.67 2.06
CA SER A 161 17.79 -2.92 2.78
C SER A 161 17.54 -2.69 4.27
N LYS A 162 17.74 -3.76 5.05
CA LYS A 162 17.51 -3.69 6.49
C LYS A 162 18.63 -3.02 7.29
N SER A 163 19.71 -2.62 6.62
CA SER A 163 20.78 -1.84 7.26
C SER A 163 20.30 -0.53 7.88
N LYS A 164 20.87 -0.19 9.03
CA LYS A 164 20.59 1.07 9.76
C LYS A 164 20.72 2.31 8.88
N ASP A 165 21.73 2.32 8.02
CA ASP A 165 22.03 3.48 7.18
C ASP A 165 21.29 3.54 5.82
N ALA A 166 20.43 2.56 5.52
CA ALA A 166 20.01 2.28 4.15
C ALA A 166 19.37 3.51 3.46
N ASN A 167 19.71 3.66 2.19
CA ASN A 167 19.10 4.63 1.32
C ASN A 167 17.61 4.42 1.09
N ILE A 168 16.93 5.55 0.88
CA ILE A 168 15.49 5.53 0.62
C ILE A 168 15.32 5.38 -0.88
N ARG A 169 14.38 4.56 -1.29
CA ARG A 169 13.97 4.39 -2.69
C ARG A 169 12.51 4.76 -2.82
N ILE A 170 12.20 5.75 -3.65
CA ILE A 170 10.85 6.19 -3.89
C ILE A 170 10.24 5.30 -4.93
N ILE A 171 9.01 4.85 -4.69
CA ILE A 171 8.29 4.04 -5.64
C ILE A 171 7.15 4.82 -6.28
N ASP A 172 6.81 4.40 -7.51
CA ASP A 172 5.58 4.77 -8.22
C ASP A 172 5.69 6.08 -9.03
N PHE A 173 6.91 6.62 -9.22
CA PHE A 173 7.04 7.75 -10.10
C PHE A 173 6.57 7.32 -11.46
N GLY A 174 5.75 8.15 -12.04
CA GLY A 174 5.34 8.02 -13.44
C GLY A 174 4.01 7.33 -13.60
N LEU A 175 3.52 6.64 -12.59
CA LEU A 175 2.33 5.85 -12.77
C LEU A 175 1.05 6.65 -12.83
N SER A 176 0.92 7.67 -12.00
CA SER A 176 -0.32 8.46 -11.92
C SER A 176 -0.62 9.18 -13.26
N THR A 177 0.40 9.52 -14.01
CA THR A 177 0.26 10.10 -15.32
C THR A 177 -0.45 9.14 -16.28
N HIS A 178 -0.27 7.83 -16.11
CA HIS A 178 -0.75 6.87 -17.09
C HIS A 178 -1.92 5.99 -16.65
N PHE A 179 -2.20 5.92 -15.34
CA PHE A 179 -3.22 5.03 -14.82
C PHE A 179 -4.14 5.74 -13.83
N GLU A 180 -5.42 5.44 -13.83
CA GLU A 180 -6.37 6.09 -12.94
CA GLU A 180 -6.37 6.11 -12.93
C GLU A 180 -6.34 5.44 -11.56
N ALA A 181 -6.37 6.27 -10.53
CA ALA A 181 -6.34 5.79 -9.18
C ALA A 181 -7.64 5.03 -8.87
N SER A 182 -7.54 4.07 -7.95
CA SER A 182 -8.72 3.40 -7.42
C SER A 182 -9.53 4.37 -6.56
N LYS A 183 -10.84 4.15 -6.61
CA LYS A 183 -11.76 4.94 -5.81
C LYS A 183 -12.16 4.25 -4.52
N LYS A 184 -11.64 3.04 -4.32
CA LYS A 184 -11.98 2.20 -3.20
C LYS A 184 -11.20 2.58 -1.96
N MET A 185 -11.87 2.66 -0.82
CA MET A 185 -11.25 3.21 0.39
C MET A 185 -10.05 2.37 0.84
N LYS A 186 -10.08 1.06 0.60
CA LYS A 186 -8.92 0.21 0.94
C LYS A 186 -7.66 0.62 0.17
N ASP A 187 -7.86 1.22 -1.00
CA ASP A 187 -6.79 1.78 -1.82
C ASP A 187 -6.48 3.24 -1.46
N LYS A 188 -7.35 3.89 -0.69
CA LYS A 188 -7.24 5.33 -0.50
C LYS A 188 -6.80 5.83 0.88
N ILE A 189 -6.74 4.92 1.88
CA ILE A 189 -6.33 5.26 3.25
C ILE A 189 -5.09 6.07 3.17
N GLY A 190 -5.11 7.22 3.80
CA GLY A 190 -3.89 7.98 3.90
C GLY A 190 -3.54 8.84 2.74
N THR A 191 -4.28 8.80 1.65
CA THR A 191 -3.94 9.66 0.51
C THR A 191 -4.18 11.13 0.84
N ALA A 192 -5.25 11.43 1.54
CA ALA A 192 -5.72 12.78 1.67
C ALA A 192 -4.75 13.74 2.36
N TYR A 193 -3.95 13.24 3.28
CA TYR A 193 -3.07 14.10 4.04
C TYR A 193 -2.03 14.77 3.15
N TYR A 194 -1.64 14.13 2.06
CA TYR A 194 -0.41 14.43 1.34
C TYR A 194 -0.63 15.15 -0.02
N ILE A 195 -1.86 15.07 -0.52
CA ILE A 195 -2.18 15.57 -1.85
CA ILE A 195 -2.15 15.57 -1.88
C ILE A 195 -2.14 17.11 -1.89
N ALA A 196 -1.58 17.68 -2.92
CA ALA A 196 -1.50 19.15 -3.07
C ALA A 196 -2.84 19.71 -3.44
N PRO A 197 -3.17 20.89 -2.91
CA PRO A 197 -4.47 21.46 -3.17
C PRO A 197 -4.79 21.64 -4.66
N GLU A 198 -3.77 21.93 -5.45
CA GLU A 198 -3.97 22.17 -6.88
C GLU A 198 -4.32 20.89 -7.60
N VAL A 199 -3.90 19.74 -7.06
CA VAL A 199 -4.24 18.44 -7.67
C VAL A 199 -5.77 18.25 -7.55
N LEU A 200 -6.34 18.64 -6.42
CA LEU A 200 -7.76 18.60 -6.21
C LEU A 200 -8.52 19.40 -7.23
N HIS A 201 -8.02 20.56 -7.61
CA HIS A 201 -8.77 21.40 -8.55
C HIS A 201 -8.46 21.18 -10.01
N GLY A 202 -7.39 20.45 -10.34
CA GLY A 202 -7.16 19.96 -11.71
C GLY A 202 -5.96 20.52 -12.47
N THR A 203 -5.49 21.70 -12.09
CA THR A 203 -4.34 22.29 -12.73
C THR A 203 -3.13 22.06 -11.83
N TYR A 204 -2.25 21.13 -12.24
CA TYR A 204 -1.09 20.86 -11.42
C TYR A 204 0.11 20.53 -12.26
N ASP A 205 1.27 20.70 -11.65
CA ASP A 205 2.55 20.40 -12.27
C ASP A 205 3.46 19.73 -11.20
N GLU A 206 4.76 19.68 -11.48
CA GLU A 206 5.71 19.01 -10.64
C GLU A 206 5.80 19.63 -9.22
N LYS A 207 5.38 20.88 -9.03
CA LYS A 207 5.36 21.41 -7.68
C LYS A 207 4.49 20.61 -6.67
N CYS A 208 3.52 19.85 -7.14
CA CYS A 208 2.66 19.08 -6.23
C CYS A 208 3.52 18.12 -5.40
N ASP A 209 4.64 17.62 -5.93
CA ASP A 209 5.54 16.72 -5.22
C ASP A 209 6.31 17.41 -4.12
N VAL A 210 6.53 18.71 -4.25
CA VAL A 210 7.19 19.46 -3.18
C VAL A 210 6.22 19.63 -2.02
N TRP A 211 4.97 19.99 -2.32
CA TRP A 211 3.93 20.06 -1.29
C TRP A 211 3.88 18.74 -0.51
N SER A 212 3.74 17.63 -1.24
CA SER A 212 3.66 16.28 -0.56
C SER A 212 4.83 16.06 0.39
N THR A 213 6.04 16.40 -0.09
CA THR A 213 7.25 16.30 0.72
C THR A 213 7.22 17.18 1.93
N GLY A 214 6.69 18.38 1.77
CA GLY A 214 6.47 19.26 2.89
C GLY A 214 5.58 18.67 3.97
N VAL A 215 4.52 18.01 3.57
CA VAL A 215 3.64 17.39 4.54
C VAL A 215 4.37 16.25 5.26
N ILE A 216 5.06 15.40 4.51
CA ILE A 216 5.90 14.34 5.10
C ILE A 216 6.91 14.93 6.12
N LEU A 217 7.61 16.00 5.76
CA LEU A 217 8.55 16.63 6.68
C LEU A 217 7.84 17.15 7.94
N TYR A 218 6.68 17.77 7.79
CA TYR A 218 5.98 18.28 8.94
C TYR A 218 5.69 17.12 9.91
N ILE A 219 5.29 15.99 9.34
CA ILE A 219 4.98 14.82 10.12
C ILE A 219 6.25 14.27 10.79
N LEU A 220 7.36 14.25 10.08
CA LEU A 220 8.59 13.73 10.68
C LEU A 220 9.01 14.46 11.94
N LEU A 221 8.78 15.77 11.94
CA LEU A 221 9.26 16.66 13.01
C LEU A 221 8.27 16.80 14.15
N SER A 222 6.98 16.50 13.94
CA SER A 222 5.96 16.57 15.02
C SER A 222 5.14 15.30 15.25
N GLY A 223 5.12 14.42 14.26
CA GLY A 223 4.28 13.21 14.31
C GLY A 223 2.78 13.39 14.08
N CYS A 224 2.37 14.57 13.63
CA CYS A 224 0.96 14.83 13.37
C CYS A 224 0.83 15.39 11.94
N PRO A 225 -0.19 15.06 11.18
CA PRO A 225 -0.34 15.67 9.85
C PRO A 225 -0.68 17.16 9.99
N PRO A 226 -0.17 18.04 9.10
CA PRO A 226 -0.53 19.45 9.21
C PRO A 226 -2.00 19.68 8.87
N PHE A 227 -2.54 18.85 7.97
CA PHE A 227 -3.97 18.91 7.64
C PHE A 227 -4.65 17.63 8.07
N ASN A 228 -5.48 17.75 9.07
CA ASN A 228 -6.04 16.59 9.70
C ASN A 228 -7.54 16.79 9.89
N GLY A 229 -8.22 15.71 10.25
CA GLY A 229 -9.64 15.72 10.41
C GLY A 229 -10.13 14.28 10.58
N ALA A 230 -11.44 14.15 10.73
CA ALA A 230 -12.08 12.97 11.24
C ALA A 230 -12.40 11.97 10.16
N ASN A 231 -12.34 12.37 8.91
CA ASN A 231 -12.57 11.47 7.80
C ASN A 231 -11.93 12.12 6.56
N GLU A 232 -11.99 11.43 5.44
CA GLU A 232 -11.32 11.82 4.27
C GLU A 232 -11.72 13.21 3.81
N TYR A 233 -13.00 13.47 3.77
CA TYR A 233 -13.48 14.70 3.26
C TYR A 233 -13.15 15.88 4.13
N ASP A 234 -13.10 15.66 5.44
CA ASP A 234 -12.71 16.70 6.35
C ASP A 234 -11.24 17.05 6.15
N ILE A 235 -10.43 16.06 5.83
CA ILE A 235 -9.03 16.29 5.65
C ILE A 235 -8.87 17.13 4.36
N LEU A 236 -9.53 16.70 3.29
CA LEU A 236 -9.43 17.40 2.02
C LEU A 236 -9.89 18.87 2.16
N LYS A 237 -10.89 19.13 2.99
CA LYS A 237 -11.34 20.47 3.25
C LYS A 237 -10.23 21.33 3.87
N LYS A 238 -9.49 20.78 4.83
CA LYS A 238 -8.34 21.48 5.39
C LYS A 238 -7.26 21.74 4.36
N VAL A 239 -6.98 20.76 3.53
CA VAL A 239 -5.88 20.86 2.54
C VAL A 239 -6.25 21.98 1.56
N GLU A 240 -7.49 21.95 1.12
CA GLU A 240 -7.93 22.85 0.13
C GLU A 240 -7.89 24.32 0.63
N LYS A 241 -8.16 24.54 1.90
CA LYS A 241 -7.97 25.84 2.46
C LYS A 241 -6.49 26.19 2.66
N GLY A 242 -5.65 25.20 2.93
CA GLY A 242 -4.22 25.42 2.92
C GLY A 242 -3.62 25.88 4.22
N LYS A 243 -4.41 26.06 5.27
CA LYS A 243 -3.87 26.69 6.50
C LYS A 243 -3.48 25.60 7.53
N TYR A 244 -2.41 25.83 8.24
CA TYR A 244 -1.86 24.88 9.18
C TYR A 244 -1.04 25.71 10.18
N THR A 245 -0.68 25.14 11.33
CA THR A 245 0.04 25.89 12.34
C THR A 245 1.15 25.08 12.91
N PHE A 246 2.03 25.79 13.61
CA PHE A 246 3.10 25.18 14.36
C PHE A 246 2.87 25.40 15.86
N GLU A 247 1.63 25.38 16.32
CA GLU A 247 1.33 25.71 17.69
C GLU A 247 1.38 24.54 18.65
N LEU A 248 1.47 23.36 18.12
CA LEU A 248 1.63 22.17 18.94
C LEU A 248 2.91 22.32 19.77
N PRO A 249 2.91 21.87 21.04
CA PRO A 249 4.06 22.04 21.92
C PRO A 249 5.37 21.50 21.33
N GLN A 250 5.28 20.34 20.69
CA GLN A 250 6.49 19.69 20.14
C GLN A 250 7.23 20.54 19.13
N TRP A 251 6.57 21.55 18.54
CA TRP A 251 7.28 22.48 17.65
C TRP A 251 8.32 23.38 18.35
N LYS A 252 8.29 23.42 19.69
CA LYS A 252 9.26 24.23 20.45
C LYS A 252 10.65 23.63 20.50
N LYS A 253 10.76 22.32 20.35
CA LYS A 253 12.05 21.65 20.20
C LYS A 253 12.64 21.82 18.78
N VAL A 254 11.93 22.47 17.84
CA VAL A 254 12.35 22.42 16.43
C VAL A 254 12.97 23.73 15.97
N SER A 255 14.01 23.62 15.16
CA SER A 255 14.69 24.79 14.61
C SER A 255 13.76 25.66 13.77
N GLU A 256 14.02 26.96 13.81
CA GLU A 256 13.33 27.88 12.94
C GLU A 256 13.58 27.62 11.44
N SER A 257 14.79 27.17 11.09
CA SER A 257 15.07 26.93 9.68
C SER A 257 14.22 25.77 9.12
N ALA A 258 13.93 24.76 9.93
CA ALA A 258 13.03 23.70 9.49
C ALA A 258 11.63 24.21 9.25
N LYS A 259 11.15 25.08 10.13
CA LYS A 259 9.83 25.69 9.93
C LYS A 259 9.79 26.53 8.66
N ASP A 260 10.88 27.21 8.35
CA ASP A 260 10.95 28.06 7.17
C ASP A 260 10.85 27.21 5.93
N LEU A 261 11.52 26.07 5.95
CA LEU A 261 11.55 25.22 4.76
C LEU A 261 10.14 24.65 4.58
N ILE A 262 9.53 24.20 5.67
CA ILE A 262 8.18 23.74 5.60
C ILE A 262 7.26 24.80 5.00
N ARG A 263 7.31 26.03 5.49
CA ARG A 263 6.48 27.08 4.98
C ARG A 263 6.60 27.23 3.50
N LYS A 264 7.81 27.14 3.02
CA LYS A 264 8.07 27.34 1.61
C LYS A 264 7.56 26.17 0.79
N MET A 265 7.63 24.98 1.36
CA MET A 265 7.14 23.77 0.68
C MET A 265 5.62 23.71 0.67
N LEU A 266 5.00 24.18 1.75
CA LEU A 266 3.54 24.24 1.87
C LEU A 266 3.03 25.62 1.52
N THR A 267 3.68 26.27 0.57
CA THR A 267 3.14 27.50 -0.02
C THR A 267 2.01 27.15 -0.99
N TYR A 268 0.88 27.81 -0.85
CA TYR A 268 -0.35 27.47 -1.56
C TYR A 268 -0.23 27.59 -3.09
N VAL A 269 0.19 28.75 -3.57
CA VAL A 269 0.26 28.95 -5.03
C VAL A 269 1.53 28.26 -5.53
N PRO A 270 1.38 27.31 -6.46
CA PRO A 270 2.54 26.52 -6.84
C PRO A 270 3.69 27.31 -7.39
N SER A 271 3.39 28.37 -8.16
CA SER A 271 4.48 29.18 -8.76
C SER A 271 5.32 29.88 -7.68
N MET A 272 4.75 30.12 -6.52
CA MET A 272 5.47 30.73 -5.41
CA MET A 272 5.43 30.74 -5.38
C MET A 272 6.10 29.71 -4.45
N ARG A 273 5.77 28.45 -4.62
CA ARG A 273 6.32 27.35 -3.83
C ARG A 273 7.72 27.06 -4.32
N ILE A 274 8.60 26.76 -3.38
CA ILE A 274 9.98 26.36 -3.67
C ILE A 274 10.04 25.12 -4.54
N SER A 275 11.00 25.07 -5.44
CA SER A 275 11.28 23.87 -6.20
C SER A 275 12.00 22.81 -5.35
N ALA A 276 12.01 21.59 -5.86
CA ALA A 276 12.69 20.48 -5.21
C ALA A 276 14.18 20.85 -5.12
N ARG A 277 14.71 21.35 -6.22
CA ARG A 277 16.15 21.63 -6.36
C ARG A 277 16.56 22.72 -5.41
N ASP A 278 15.71 23.74 -5.31
CA ASP A 278 16.01 24.84 -4.42
C ASP A 278 15.90 24.46 -2.96
N ALA A 279 14.98 23.54 -2.66
CA ALA A 279 14.82 23.02 -1.31
C ALA A 279 16.06 22.28 -0.87
N LEU A 280 16.77 21.61 -1.78
CA LEU A 280 18.09 21.05 -1.46
C LEU A 280 19.13 22.05 -1.00
N ASP A 281 19.05 23.27 -1.48
CA ASP A 281 20.02 24.28 -1.06
C ASP A 281 19.56 25.07 0.16
N HIS A 282 18.44 24.68 0.76
CA HIS A 282 17.93 25.41 1.88
C HIS A 282 18.80 25.19 3.10
N GLU A 283 18.94 26.27 3.88
CA GLU A 283 19.73 26.31 5.10
C GLU A 283 19.57 25.09 6.00
N TRP A 284 18.33 24.71 6.32
CA TRP A 284 18.02 23.51 7.10
C TRP A 284 18.69 22.24 6.57
N ILE A 285 18.58 21.99 5.28
CA ILE A 285 19.16 20.79 4.69
C ILE A 285 20.68 20.83 4.78
N GLN A 286 21.25 21.96 4.36
CA GLN A 286 22.69 22.23 4.44
C GLN A 286 23.24 22.04 5.85
N THR A 287 22.61 22.66 6.84
CA THR A 287 23.07 22.57 8.22
C THR A 287 22.96 21.15 8.80
N TYR A 288 21.77 20.58 8.72
CA TYR A 288 21.45 19.37 9.44
C TYR A 288 21.89 18.10 8.73
N THR A 289 22.36 18.17 7.50
CA THR A 289 22.99 16.98 6.88
C THR A 289 24.51 17.04 6.83
N LYS A 290 25.07 18.23 7.03
CA LYS A 290 26.51 18.44 6.99
C LYS A 290 27.28 17.45 7.85
N ASP A 296 24.66 18.64 19.14
CA ASP A 296 23.92 19.91 19.23
C ASP A 296 22.38 19.66 19.31
N VAL A 297 21.93 18.45 19.02
CA VAL A 297 20.56 18.22 18.54
C VAL A 297 19.83 17.21 19.45
N PRO A 298 18.71 17.60 20.07
CA PRO A 298 17.96 16.66 20.90
C PRO A 298 17.17 15.59 20.14
N SER A 299 16.72 14.56 20.84
CA SER A 299 15.80 13.59 20.24
C SER A 299 14.39 14.17 20.27
N LEU A 300 13.66 13.97 19.17
CA LEU A 300 12.28 14.42 19.10
C LEU A 300 11.38 13.30 19.61
N ASP A 301 11.35 13.13 20.93
CA ASP A 301 10.70 11.94 21.51
C ASP A 301 9.19 11.95 21.33
N ASN A 302 8.60 13.09 21.61
CA ASN A 302 7.17 13.29 21.40
C ASN A 302 6.77 13.03 19.92
N ALA A 303 7.62 13.43 18.97
CA ALA A 303 7.31 13.19 17.56
C ALA A 303 7.25 11.69 17.27
N ILE A 304 8.22 10.94 17.81
CA ILE A 304 8.28 9.49 17.60
C ILE A 304 7.04 8.83 18.15
N LEU A 305 6.62 9.27 19.31
CA LEU A 305 5.42 8.77 19.95
C LEU A 305 4.24 9.00 19.07
N ASN A 306 4.13 10.21 18.54
CA ASN A 306 2.98 10.58 17.72
C ASN A 306 2.99 9.83 16.39
N ILE A 307 4.17 9.61 15.81
CA ILE A 307 4.30 8.80 14.59
C ILE A 307 3.92 7.35 14.82
N ARG A 308 4.37 6.77 15.93
CA ARG A 308 4.00 5.38 16.28
C ARG A 308 2.50 5.24 16.38
N GLN A 309 1.84 6.20 17.03
CA GLN A 309 0.37 6.20 17.15
C GLN A 309 -0.31 6.44 15.81
N PHE A 310 0.23 7.33 14.99
CA PHE A 310 -0.36 7.62 13.68
C PHE A 310 -0.24 6.43 12.77
N GLN A 311 0.94 5.83 12.72
CA GLN A 311 1.18 4.64 11.92
C GLN A 311 0.31 3.45 12.33
N GLY A 312 0.23 3.25 13.64
CA GLY A 312 -0.56 2.14 14.13
C GLY A 312 -2.01 2.30 13.82
N THR A 313 -2.52 3.53 13.92
CA THR A 313 -3.90 3.81 13.54
C THR A 313 -4.16 3.58 12.04
N GLN A 314 -3.25 4.04 11.19
CA GLN A 314 -3.37 3.85 9.76
C GLN A 314 -3.32 2.40 9.37
N LYS A 315 -2.42 1.63 9.96
CA LYS A 315 -2.31 0.23 9.59
C LYS A 315 -3.49 -0.58 10.06
N LEU A 316 -4.11 -0.21 11.16
CA LEU A 316 -5.27 -0.93 11.62
C LEU A 316 -6.46 -0.60 10.79
N ALA A 317 -6.64 0.67 10.41
CA ALA A 317 -7.74 0.96 9.49
C ALA A 317 -7.58 0.19 8.20
N GLN A 318 -6.39 0.15 7.65
CA GLN A 318 -6.11 -0.62 6.41
C GLN A 318 -6.42 -2.07 6.62
N ALA A 319 -5.98 -2.63 7.73
CA ALA A 319 -6.21 -4.06 8.01
C ALA A 319 -7.69 -4.37 8.12
N ALA A 320 -8.43 -3.47 8.73
CA ALA A 320 -9.87 -3.67 8.84
C ALA A 320 -10.51 -3.67 7.47
N LEU A 321 -10.13 -2.73 6.61
CA LEU A 321 -10.67 -2.72 5.22
C LEU A 321 -10.31 -3.96 4.44
N LEU A 322 -9.07 -4.43 4.55
CA LEU A 322 -8.63 -5.62 3.81
C LEU A 322 -9.36 -6.87 4.29
N TYR A 323 -9.55 -6.94 5.59
CA TYR A 323 -10.26 -8.03 6.18
C TYR A 323 -11.67 -8.07 5.67
N MET A 324 -12.37 -6.95 5.66
CA MET A 324 -13.76 -6.96 5.19
C MET A 324 -13.82 -7.28 3.70
N GLY A 325 -12.91 -6.71 2.93
CA GLY A 325 -12.82 -7.01 1.49
C GLY A 325 -12.50 -8.47 1.28
N SER A 326 -11.62 -9.03 2.09
CA SER A 326 -11.29 -10.49 1.96
C SER A 326 -12.46 -11.38 2.33
N LYS A 327 -13.27 -10.96 3.28
CA LYS A 327 -14.45 -11.71 3.62
C LYS A 327 -15.45 -11.69 2.46
N LEU A 328 -15.68 -10.53 1.84
CA LEU A 328 -16.59 -10.49 0.68
C LEU A 328 -16.05 -11.30 -0.51
N THR A 329 -14.77 -11.18 -0.82
CA THR A 329 -14.15 -12.00 -1.87
C THR A 329 -14.34 -13.50 -1.61
N SER A 330 -14.23 -13.91 -0.35
CA SER A 330 -14.46 -15.30 0.04
C SER A 330 -15.91 -15.78 -0.13
N GLN A 331 -16.90 -14.97 0.29
CA GLN A 331 -18.29 -15.29 -0.03
C GLN A 331 -18.45 -15.44 -1.52
N ASP A 332 -17.86 -14.54 -2.30
CA ASP A 332 -17.99 -14.54 -3.76
C ASP A 332 -17.33 -15.82 -4.35
N GLU A 333 -16.02 -15.98 -4.13
CA GLU A 333 -15.28 -17.12 -4.71
C GLU A 333 -15.74 -18.51 -4.23
N THR A 334 -16.15 -18.63 -2.97
CA THR A 334 -16.67 -19.89 -2.44
C THR A 334 -17.86 -20.37 -3.28
N LYS A 335 -18.83 -19.50 -3.51
CA LYS A 335 -19.99 -19.86 -4.32
C LYS A 335 -19.64 -20.07 -5.79
N GLU A 336 -18.78 -19.22 -6.34
CA GLU A 336 -18.35 -19.36 -7.75
C GLU A 336 -17.68 -20.74 -7.93
N LEU A 337 -16.79 -21.07 -7.00
CA LEU A 337 -15.97 -22.26 -7.14
C LEU A 337 -16.80 -23.53 -7.02
N THR A 338 -17.75 -23.51 -6.10
CA THR A 338 -18.73 -24.57 -5.94
C THR A 338 -19.58 -24.79 -7.21
N ALA A 339 -20.01 -23.70 -7.87
CA ALA A 339 -20.85 -23.82 -9.07
C ALA A 339 -20.06 -24.41 -10.22
N ILE A 340 -18.81 -23.94 -10.36
CA ILE A 340 -17.87 -24.46 -11.35
C ILE A 340 -17.64 -25.99 -11.19
N PHE A 341 -17.36 -26.44 -9.97
CA PHE A 341 -17.12 -27.87 -9.75
C PHE A 341 -18.38 -28.70 -9.89
N HIS A 342 -19.48 -28.18 -9.37
CA HIS A 342 -20.77 -28.80 -9.58
C HIS A 342 -21.06 -29.01 -11.07
N LYS A 343 -20.74 -28.02 -11.92
CA LYS A 343 -20.91 -28.14 -13.36
C LYS A 343 -19.98 -29.26 -13.88
N MET A 344 -18.73 -29.24 -13.43
CA MET A 344 -17.70 -30.20 -13.86
C MET A 344 -18.06 -31.61 -13.45
N ASP A 345 -18.73 -31.77 -12.31
CA ASP A 345 -19.01 -33.08 -11.74
C ASP A 345 -20.10 -33.80 -12.52
N LYS A 346 -19.71 -34.41 -13.62
CA LYS A 346 -20.65 -35.07 -14.52
C LYS A 346 -21.30 -36.31 -13.94
N ASN A 347 -20.75 -36.88 -12.89
CA ASN A 347 -21.29 -38.09 -12.29
C ASN A 347 -22.28 -37.69 -11.23
N GLY A 348 -22.27 -36.39 -10.89
CA GLY A 348 -23.08 -35.87 -9.79
C GLY A 348 -22.72 -36.48 -8.46
N ASP A 349 -21.52 -37.03 -8.34
CA ASP A 349 -21.13 -37.78 -7.14
C ASP A 349 -20.22 -36.97 -6.20
N GLY A 350 -19.95 -35.71 -6.54
CA GLY A 350 -19.16 -34.84 -5.67
C GLY A 350 -17.65 -35.05 -5.71
N GLN A 351 -17.17 -35.84 -6.68
CA GLN A 351 -15.77 -36.25 -6.75
C GLN A 351 -15.10 -35.74 -8.02
N LEU A 352 -13.94 -35.11 -7.87
CA LEU A 352 -13.18 -34.63 -9.03
C LEU A 352 -11.75 -35.10 -8.88
N ASP A 353 -11.01 -35.20 -9.98
CA ASP A 353 -9.59 -35.51 -9.87
C ASP A 353 -8.80 -34.22 -9.75
N ARG A 354 -7.49 -34.35 -9.50
CA ARG A 354 -6.59 -33.22 -9.38
C ARG A 354 -6.67 -32.34 -10.62
N ALA A 355 -6.69 -32.94 -11.83
CA ALA A 355 -6.65 -32.11 -13.06
C ALA A 355 -7.89 -31.24 -13.15
N GLU A 356 -9.02 -31.75 -12.65
CA GLU A 356 -10.27 -31.07 -12.75
C GLU A 356 -10.32 -29.94 -11.74
N LEU A 357 -9.83 -30.21 -10.51
CA LEU A 357 -9.74 -29.16 -9.51
C LEU A 357 -8.87 -28.01 -10.03
N ILE A 358 -7.75 -28.35 -10.66
CA ILE A 358 -6.86 -27.37 -11.30
C ILE A 358 -7.60 -26.56 -12.37
N GLU A 359 -8.32 -27.23 -13.27
CA GLU A 359 -9.01 -26.53 -14.37
CA GLU A 359 -8.98 -26.53 -14.38
C GLU A 359 -10.09 -25.60 -13.86
N GLY A 360 -10.81 -26.05 -12.83
CA GLY A 360 -11.86 -25.26 -12.19
C GLY A 360 -11.30 -24.09 -11.39
N TYR A 361 -10.18 -24.31 -10.71
CA TYR A 361 -9.48 -23.25 -10.01
C TYR A 361 -8.92 -22.25 -11.04
N LYS A 362 -8.54 -22.74 -12.22
CA LYS A 362 -8.16 -21.86 -13.35
C LYS A 362 -9.31 -21.04 -13.88
N GLU A 363 -10.44 -21.69 -14.14
CA GLU A 363 -11.61 -20.95 -14.59
C GLU A 363 -11.97 -19.86 -13.61
N LEU A 364 -11.80 -20.12 -12.32
CA LEU A 364 -12.06 -19.11 -11.30
C LEU A 364 -11.08 -17.92 -11.45
N MET A 365 -9.84 -18.19 -11.89
CA MET A 365 -8.93 -17.08 -12.32
C MET A 365 -9.33 -16.43 -13.65
N ARG A 366 -9.82 -17.22 -14.60
CA ARG A 366 -10.25 -16.68 -15.90
C ARG A 366 -11.34 -15.58 -15.79
N MET A 367 -11.87 -15.39 -14.58
CA MET A 367 -12.66 -14.20 -14.25
C MET A 367 -11.99 -13.36 -13.17
N LYS A 368 -12.07 -13.76 -11.91
CA LYS A 368 -11.38 -12.99 -10.86
C LYS A 368 -9.91 -12.81 -11.29
N GLY A 369 -9.49 -11.57 -11.59
CA GLY A 369 -8.08 -11.24 -11.96
C GLY A 369 -7.39 -10.55 -10.79
N GLN A 370 -7.66 -11.09 -9.59
CA GLN A 370 -7.26 -10.53 -8.29
C GLN A 370 -5.91 -11.12 -7.87
N ASP A 371 -5.67 -12.38 -8.23
CA ASP A 371 -4.59 -13.18 -7.67
C ASP A 371 -3.36 -13.16 -8.57
N ALA A 372 -2.66 -12.03 -8.53
CA ALA A 372 -1.42 -11.86 -9.27
C ALA A 372 -0.48 -13.05 -9.10
N SER A 373 -0.44 -13.66 -7.91
CA SER A 373 0.46 -14.77 -7.61
C SER A 373 0.12 -16.10 -8.29
N MET A 374 -1.02 -16.18 -8.97
CA MET A 374 -1.35 -17.34 -9.78
C MET A 374 -1.03 -16.96 -11.22
N LEU A 375 0.28 -16.86 -11.49
CA LEU A 375 0.84 -16.19 -12.68
C LEU A 375 0.85 -17.05 -13.91
N ASP A 376 1.03 -18.33 -13.69
CA ASP A 376 0.94 -19.28 -14.78
C ASP A 376 0.40 -20.60 -14.20
N ALA A 377 0.21 -21.58 -15.08
CA ALA A 377 -0.33 -22.90 -14.71
C ALA A 377 0.47 -23.58 -13.57
N SER A 378 1.80 -23.44 -13.59
CA SER A 378 2.68 -24.00 -12.53
C SER A 378 2.33 -23.50 -11.11
N ALA A 379 2.00 -22.22 -10.98
CA ALA A 379 1.66 -21.65 -9.66
C ALA A 379 0.30 -22.16 -9.15
N VAL A 380 -0.62 -22.35 -10.08
CA VAL A 380 -1.94 -22.93 -9.75
C VAL A 380 -1.75 -24.39 -9.32
N GLU A 381 -0.92 -25.13 -10.05
CA GLU A 381 -0.62 -26.53 -9.70
C GLU A 381 -0.14 -26.61 -8.27
N HIS A 382 0.83 -25.76 -7.92
CA HIS A 382 1.41 -25.73 -6.59
C HIS A 382 0.36 -25.43 -5.53
N GLU A 383 -0.45 -24.40 -5.76
CA GLU A 383 -1.48 -24.01 -4.79
C GLU A 383 -2.54 -25.13 -4.59
N VAL A 384 -3.00 -25.73 -5.70
CA VAL A 384 -3.93 -26.84 -5.59
C VAL A 384 -3.26 -27.94 -4.73
N ASP A 385 -1.97 -28.23 -4.99
CA ASP A 385 -1.27 -29.29 -4.28
C ASP A 385 -1.14 -29.01 -2.79
N GLN A 386 -0.88 -27.75 -2.41
CA GLN A 386 -0.90 -27.35 -0.97
C GLN A 386 -2.24 -27.72 -0.30
N VAL A 387 -3.33 -27.46 -0.99
CA VAL A 387 -4.64 -27.81 -0.48
C VAL A 387 -4.90 -29.38 -0.45
N LEU A 388 -4.53 -30.08 -1.56
CA LEU A 388 -4.56 -31.59 -1.78
C LEU A 388 -3.61 -32.37 -0.83
N ASP A 389 -2.44 -31.79 -0.54
CA ASP A 389 -1.63 -32.21 0.59
C ASP A 389 -2.40 -31.96 1.85
N ALA A 390 -2.93 -30.74 1.94
CA ALA A 390 -3.77 -30.30 3.06
C ALA A 390 -5.10 -31.03 3.19
N VAL A 391 -5.48 -31.86 2.23
CA VAL A 391 -6.75 -32.61 2.33
C VAL A 391 -6.63 -33.66 3.45
N ASP A 392 -5.87 -33.32 4.50
CA ASP A 392 -5.37 -34.29 5.49
C ASP A 392 -4.72 -35.48 4.78
N PHE A 393 -5.35 -36.66 4.86
CA PHE A 393 -4.80 -37.92 4.34
C PHE A 393 -5.36 -38.17 2.95
N ASP A 394 -4.53 -38.75 2.08
CA ASP A 394 -4.78 -38.66 0.64
C ASP A 394 -5.12 -39.97 -0.05
N LYS A 395 -6.31 -39.94 -0.66
CA LYS A 395 -6.77 -40.91 -1.62
C LYS A 395 -6.69 -40.28 -3.01
N ASN A 396 -6.04 -40.97 -3.94
CA ASN A 396 -5.77 -40.39 -5.26
C ASN A 396 -6.73 -40.85 -6.39
N GLY A 397 -7.48 -39.86 -6.91
CA GLY A 397 -8.54 -40.09 -7.88
C GLY A 397 -9.84 -39.37 -7.53
N TYR A 398 -10.28 -39.39 -6.27
CA TYR A 398 -11.66 -39.11 -5.92
C TYR A 398 -11.46 -38.17 -4.80
N ILE A 399 -11.25 -36.96 -5.24
CA ILE A 399 -11.27 -35.92 -4.28
C ILE A 399 -12.68 -35.36 -4.12
N GLU A 400 -13.11 -35.29 -2.86
CA GLU A 400 -14.38 -34.61 -2.49
C GLU A 400 -14.27 -33.10 -2.71
N TYR A 401 -14.82 -32.56 -3.79
CA TYR A 401 -14.56 -31.15 -4.09
C TYR A 401 -15.15 -30.21 -3.03
N SER A 402 -16.29 -30.52 -2.44
CA SER A 402 -16.84 -29.63 -1.38
C SER A 402 -15.81 -29.40 -0.26
N GLU A 403 -15.05 -30.40 0.11
CA GLU A 403 -14.10 -30.23 1.21
C GLU A 403 -12.84 -29.46 0.73
N PHE A 404 -12.47 -29.65 -0.54
CA PHE A 404 -11.41 -28.85 -1.17
C PHE A 404 -11.74 -27.35 -1.17
N VAL A 405 -13.01 -27.02 -1.47
CA VAL A 405 -13.43 -25.63 -1.51
C VAL A 405 -13.28 -25.04 -0.09
N THR A 406 -13.78 -25.76 0.90
CA THR A 406 -13.68 -25.36 2.31
C THR A 406 -12.25 -25.04 2.69
N VAL A 407 -11.30 -25.90 2.37
CA VAL A 407 -9.92 -25.68 2.83
C VAL A 407 -9.20 -24.65 1.98
N ALA A 408 -9.42 -24.59 0.67
CA ALA A 408 -8.85 -23.50 -0.14
C ALA A 408 -9.30 -22.14 0.42
N MET A 409 -10.57 -22.04 0.80
CA MET A 409 -11.12 -20.80 1.33
C MET A 409 -10.82 -20.61 2.84
N ASP A 410 -10.90 -21.66 3.67
CA ASP A 410 -10.53 -21.54 5.09
C ASP A 410 -9.10 -21.13 5.27
N ARG A 411 -8.20 -21.63 4.44
CA ARG A 411 -6.80 -21.18 4.47
C ARG A 411 -6.73 -19.66 4.38
N LYS A 412 -7.35 -19.11 3.35
CA LYS A 412 -7.38 -17.67 3.16
C LYS A 412 -8.05 -16.94 4.33
N THR A 413 -9.18 -17.45 4.80
CA THR A 413 -9.95 -16.94 5.95
C THR A 413 -9.11 -16.94 7.23
N LEU A 414 -8.34 -17.99 7.44
CA LEU A 414 -7.50 -18.06 8.63
C LEU A 414 -6.41 -17.01 8.53
N LEU A 415 -5.85 -16.89 7.32
CA LEU A 415 -4.74 -15.96 7.07
C LEU A 415 -5.20 -14.58 7.34
N SER A 416 -6.39 -14.27 6.82
CA SER A 416 -7.02 -12.96 6.96
CA SER A 416 -7.02 -12.96 6.96
C SER A 416 -7.25 -12.59 8.41
N ARG A 417 -7.78 -13.53 9.19
CA ARG A 417 -8.05 -13.31 10.61
C ARG A 417 -6.74 -13.00 11.33
N GLU A 418 -5.70 -13.78 11.06
CA GLU A 418 -4.38 -13.54 11.65
C GLU A 418 -3.76 -12.17 11.28
N ARG A 419 -3.95 -11.71 10.07
CA ARG A 419 -3.40 -10.40 9.70
C ARG A 419 -4.14 -9.27 10.41
N LEU A 420 -5.44 -9.44 10.60
CA LEU A 420 -6.22 -8.41 11.32
C LEU A 420 -5.73 -8.32 12.76
N GLU A 421 -5.58 -9.50 13.38
CA GLU A 421 -5.17 -9.61 14.75
C GLU A 421 -3.82 -9.01 15.00
N ARG A 422 -2.87 -9.20 14.11
CA ARG A 422 -1.53 -8.61 14.22
C ARG A 422 -1.64 -7.10 14.29
N ALA A 423 -2.48 -6.52 13.43
CA ALA A 423 -2.64 -5.11 13.44
C ALA A 423 -3.29 -4.59 14.73
N PHE A 424 -4.27 -5.32 15.24
CA PHE A 424 -4.97 -4.98 16.51
C PHE A 424 -4.01 -4.96 17.67
N ARG A 425 -3.21 -6.02 17.79
CA ARG A 425 -2.19 -6.13 18.82
C ARG A 425 -1.15 -4.99 18.73
N MET A 426 -0.71 -4.66 17.54
CA MET A 426 0.27 -3.60 17.43
C MET A 426 -0.35 -2.25 17.83
N PHE A 427 -1.61 -2.04 17.52
CA PHE A 427 -2.30 -0.81 17.91
C PHE A 427 -2.49 -0.73 19.42
N ASP A 428 -2.77 -1.87 20.05
CA ASP A 428 -2.97 -1.96 21.50
C ASP A 428 -1.60 -1.94 22.20
N SER A 429 -0.96 -0.78 22.23
CA SER A 429 0.42 -0.67 22.68
C SER A 429 0.62 -0.90 24.18
N ASP A 430 -0.39 -0.64 24.99
CA ASP A 430 -0.38 -0.94 26.41
C ASP A 430 -0.73 -2.41 26.76
N ASN A 431 -0.97 -3.25 25.75
CA ASN A 431 -1.38 -4.62 25.95
C ASN A 431 -2.60 -4.73 26.85
N SER A 432 -3.56 -3.84 26.71
CA SER A 432 -4.77 -3.83 27.55
C SER A 432 -5.75 -4.86 27.09
N GLY A 433 -5.62 -5.27 25.83
CA GLY A 433 -6.54 -6.20 25.22
C GLY A 433 -7.73 -5.55 24.61
N LYS A 434 -7.86 -4.22 24.76
CA LYS A 434 -9.13 -3.54 24.42
C LYS A 434 -8.84 -2.31 23.54
N ILE A 435 -9.81 -1.92 22.74
CA ILE A 435 -9.77 -0.64 22.03
C ILE A 435 -10.96 0.16 22.59
N SER A 436 -10.73 1.38 23.01
CA SER A 436 -11.80 2.23 23.51
C SER A 436 -12.70 2.75 22.38
N SER A 437 -13.89 3.24 22.75
CA SER A 437 -14.76 3.73 21.69
C SER A 437 -14.21 5.02 21.09
N THR A 438 -13.43 5.79 21.85
CA THR A 438 -12.73 6.94 21.25
C THR A 438 -11.79 6.48 20.14
N GLU A 439 -11.10 5.39 20.41
CA GLU A 439 -10.16 4.85 19.45
C GLU A 439 -10.89 4.26 18.23
N LEU A 440 -12.01 3.57 18.47
CA LEU A 440 -12.82 3.10 17.37
C LEU A 440 -13.20 4.27 16.43
N ALA A 441 -13.61 5.37 17.02
CA ALA A 441 -14.02 6.53 16.20
C ALA A 441 -12.90 6.99 15.32
N THR A 442 -11.69 7.02 15.85
CA THR A 442 -10.56 7.41 15.08
C THR A 442 -10.31 6.40 13.96
N ILE A 443 -10.34 5.10 14.27
CA ILE A 443 -10.13 4.04 13.28
C ILE A 443 -11.17 4.03 12.17
N PHE A 444 -12.43 4.03 12.51
CA PHE A 444 -13.51 4.06 11.56
C PHE A 444 -13.57 5.36 10.74
N GLY A 445 -13.16 6.49 11.32
CA GLY A 445 -13.02 7.72 10.58
C GLY A 445 -11.98 7.59 9.47
N VAL A 446 -10.82 7.10 9.83
CA VAL A 446 -9.76 6.84 8.85
C VAL A 446 -10.20 5.81 7.80
N SER A 447 -10.96 4.80 8.23
CA SER A 447 -11.54 3.78 7.35
C SER A 447 -12.72 4.27 6.57
N ASP A 448 -13.15 5.47 6.91
CA ASP A 448 -14.30 6.12 6.29
C ASP A 448 -15.56 5.31 6.41
N VAL A 449 -15.73 4.65 7.54
CA VAL A 449 -16.98 3.95 7.84
C VAL A 449 -17.85 4.90 8.61
N ASP A 450 -19.09 5.03 8.13
CA ASP A 450 -20.04 5.96 8.71
C ASP A 450 -20.20 5.88 10.25
N SER A 451 -20.09 7.04 10.90
CA SER A 451 -20.14 7.12 12.36
C SER A 451 -21.37 6.46 13.00
N GLU A 452 -22.55 6.82 12.52
CA GLU A 452 -23.78 6.29 13.03
C GLU A 452 -23.86 4.78 12.76
N THR A 453 -23.23 4.35 11.69
CA THR A 453 -23.31 2.95 11.29
C THR A 453 -22.44 2.05 12.19
N TRP A 454 -21.19 2.45 12.45
CA TRP A 454 -20.37 1.65 13.35
C TRP A 454 -20.87 1.74 14.79
N LYS A 455 -21.35 2.92 15.23
CA LYS A 455 -21.96 3.06 16.57
C LYS A 455 -23.11 2.10 16.69
N SER A 456 -23.92 2.01 15.64
CA SER A 456 -25.01 1.02 15.54
C SER A 456 -24.53 -0.41 15.71
N VAL A 457 -23.48 -0.79 14.98
CA VAL A 457 -22.95 -2.16 15.07
C VAL A 457 -22.26 -2.36 16.45
N LEU A 458 -21.61 -1.33 16.99
CA LEU A 458 -21.09 -1.36 18.38
C LEU A 458 -22.13 -1.57 19.44
N SER A 459 -23.30 -0.94 19.30
CA SER A 459 -24.43 -1.19 20.20
C SER A 459 -24.87 -2.65 20.16
N GLU A 460 -24.94 -3.24 18.97
CA GLU A 460 -25.37 -4.62 18.83
C GLU A 460 -24.36 -5.62 19.37
N VAL A 461 -23.10 -5.22 19.44
CA VAL A 461 -22.07 -6.12 19.93
C VAL A 461 -21.85 -5.86 21.44
N ASP A 462 -21.56 -4.60 21.77
CA ASP A 462 -21.35 -4.12 23.18
C ASP A 462 -22.68 -3.79 23.87
N LYS A 463 -23.35 -4.82 24.39
CA LYS A 463 -24.61 -4.60 25.08
C LYS A 463 -24.43 -4.27 26.56
N ASN A 464 -23.21 -3.98 26.96
CA ASN A 464 -22.92 -3.60 28.33
C ASN A 464 -22.41 -2.20 28.57
N ASN A 465 -22.33 -1.42 27.49
CA ASN A 465 -21.83 -0.05 27.59
C ASN A 465 -20.45 -0.06 28.27
N ASP A 466 -19.59 -1.00 27.90
CA ASP A 466 -18.25 -0.99 28.45
C ASP A 466 -17.52 0.17 27.78
N GLY A 467 -17.99 0.55 26.58
CA GLY A 467 -17.29 1.55 25.76
C GLY A 467 -15.90 1.11 25.35
N GLU A 468 -15.72 -0.18 25.17
CA GLU A 468 -14.48 -0.74 24.68
C GLU A 468 -14.77 -2.13 24.13
N VAL A 469 -13.90 -2.58 23.24
CA VAL A 469 -14.04 -3.87 22.58
C VAL A 469 -12.74 -4.63 22.64
N ASP A 470 -12.84 -5.97 22.77
CA ASP A 470 -11.68 -6.82 22.68
C ASP A 470 -11.55 -7.21 21.24
N PHE A 471 -10.52 -8.01 20.95
CA PHE A 471 -10.30 -8.37 19.55
C PHE A 471 -11.51 -9.04 18.94
N ASP A 472 -12.09 -10.02 19.64
CA ASP A 472 -13.11 -10.81 18.99
C ASP A 472 -14.36 -9.96 18.68
N GLU A 473 -14.67 -9.07 19.60
CA GLU A 473 -15.76 -8.14 19.43
C GLU A 473 -15.51 -7.17 18.25
N PHE A 474 -14.30 -6.64 18.14
CA PHE A 474 -13.92 -5.84 17.01
C PHE A 474 -14.09 -6.59 15.69
N GLN A 475 -13.65 -7.85 15.65
CA GLN A 475 -13.77 -8.66 14.45
C GLN A 475 -15.22 -8.88 14.11
N GLN A 476 -16.04 -9.18 15.11
CA GLN A 476 -17.50 -9.27 14.90
C GLN A 476 -18.09 -7.98 14.32
N MET A 477 -17.67 -6.83 14.81
CA MET A 477 -18.17 -5.53 14.23
C MET A 477 -17.84 -5.48 12.74
N LEU A 478 -16.62 -5.86 12.37
CA LEU A 478 -16.21 -5.85 10.99
C LEU A 478 -17.03 -6.79 10.13
N LEU A 479 -17.35 -7.95 10.65
CA LEU A 479 -18.20 -8.91 9.92
C LEU A 479 -19.58 -8.36 9.67
N LYS A 480 -20.12 -7.67 10.65
CA LYS A 480 -21.44 -7.06 10.50
C LYS A 480 -21.44 -5.80 9.61
N LEU A 481 -20.27 -5.20 9.42
CA LEU A 481 -20.12 -4.08 8.52
C LEU A 481 -19.84 -4.53 7.10
N CYS A 482 -19.76 -5.82 6.84
CA CYS A 482 -19.62 -6.31 5.48
C CYS A 482 -20.63 -7.39 5.24
N GLY A 483 -21.83 -7.17 5.80
CA GLY A 483 -23.00 -7.95 5.46
C GLY A 483 -23.10 -9.32 6.13
N ASN A 484 -22.27 -9.56 7.14
CA ASN A 484 -22.33 -10.79 7.93
C ASN A 484 -22.76 -10.55 9.37
#